data_2DYP
#
_entry.id   2DYP
#
_cell.length_a   81.400
_cell.length_b   81.400
_cell.length_c   186.733
_cell.angle_alpha   90.00
_cell.angle_beta   90.00
_cell.angle_gamma   120.00
#
_symmetry.space_group_name_H-M   'P 31 2 1'
#
loop_
_entity.id
_entity.type
_entity.pdbx_description
1 polymer 'HLA class I histocompatibility antigen, alpha chain G'
2 polymer Beta-2-microglobulin
3 polymer '9 Mer Peptide From Histone H2A.x'
4 polymer 'Leukocyte immunoglobulin-like receptor subfamily B member 2'
5 water water
#
loop_
_entity_poly.entity_id
_entity_poly.type
_entity_poly.pdbx_seq_one_letter_code
_entity_poly.pdbx_strand_id
1 'polypeptide(L)'
;MGSHSMRYFSAAVSRPGRGEPRFIAMGYVDDTQFVRFDSDSASPRMEPRAPWVEQEGPEYWEEETRNTKAHAQTDRMNLQ
TLRGYYNQSEASSHTLQWMIGCDLGSDGRLLRGYEQYAYDGKDYLALNEDLRSWTAADTAAQISKRKCEAANVAEQRRAY
LEGTCVEWLHRYLENGKEMLQRADPPKTHVTHHPVFDYEATLRCWALGFYPAEIILTWQRDGEDQTQDVELVETRPAGDG
TFQKWAAVVVPSGEEQRYTCHVQHEGLPEPLMLRWKQ
;
A
2 'polypeptide(L)'
;MIQRTPKIQVYSRHPAENGKSNFLNCYVSGFHPSDIEVDLLKNGERIEKVEHSDLSFSKDWSFYLLYYTEFTPTEKDEYA
CRVNHVTLSQPKIVKWDRDM
;
B
3 'polypeptide(L)' RIIPRHLQL C
4 'polypeptide(L)'
;GTIPKPTLWAEPDSVITQGSPVTLSCQGSLEAQEYRLYREKKSASWITRIRPELVKNGQFRIPSITWEHTGRYGCQYYSR
ARWSELSDPLVLVMTGAYPKPTLSAQPSPVVTSGGRVTLQCESQVAFGGFILCKEGEDEHPQCLNSQPHARGSSRAIFSV
GPVSPNRRWSHRCYGYDLNSPYVWSSPSDLLELLVP
;
D
#
# COMPACT_ATOMS: atom_id res chain seq x y z
N SER A 3 -0.38 -17.19 19.42
CA SER A 3 -0.29 -18.11 18.24
C SER A 3 0.93 -17.72 17.42
N HIS A 4 1.91 -18.60 17.35
CA HIS A 4 3.16 -18.30 16.68
C HIS A 4 3.46 -18.90 15.31
N SER A 5 4.36 -18.24 14.60
CA SER A 5 4.78 -18.70 13.29
C SER A 5 6.20 -18.25 13.00
N MET A 6 6.86 -18.95 12.08
CA MET A 6 8.21 -18.60 11.70
C MET A 6 8.27 -18.57 10.19
N ARG A 7 8.90 -17.54 9.63
CA ARG A 7 9.04 -17.41 8.19
C ARG A 7 10.44 -17.03 7.74
N TYR A 8 10.81 -17.48 6.55
CA TYR A 8 12.06 -17.09 5.95
C TYR A 8 11.65 -16.60 4.55
N PHE A 9 12.13 -15.42 4.18
CA PHE A 9 11.82 -14.83 2.88
C PHE A 9 13.14 -14.53 2.20
N SER A 10 13.15 -14.51 0.87
CA SER A 10 14.36 -14.17 0.13
C SER A 10 13.99 -13.49 -1.20
N ALA A 11 14.89 -12.66 -1.71
CA ALA A 11 14.67 -11.97 -2.97
C ALA A 11 15.95 -11.95 -3.76
N ALA A 12 15.89 -12.46 -4.98
CA ALA A 12 17.04 -12.49 -5.87
C ALA A 12 16.72 -11.55 -7.01
N VAL A 13 17.47 -10.47 -7.08
CA VAL A 13 17.26 -9.44 -8.09
C VAL A 13 18.43 -9.35 -9.06
N SER A 14 18.22 -9.82 -10.28
CA SER A 14 19.27 -9.78 -11.29
C SER A 14 19.58 -8.33 -11.62
N ARG A 15 20.81 -8.10 -12.03
CA ARG A 15 21.23 -6.76 -12.40
C ARG A 15 22.26 -6.84 -13.53
N PRO A 16 21.78 -6.99 -14.77
CA PRO A 16 22.65 -7.09 -15.95
C PRO A 16 23.56 -5.87 -15.99
N GLY A 17 24.82 -6.08 -16.34
CA GLY A 17 25.74 -4.95 -16.38
C GLY A 17 26.24 -4.69 -14.98
N ARG A 18 25.33 -4.42 -14.05
CA ARG A 18 25.70 -4.18 -12.66
C ARG A 18 26.53 -5.35 -12.13
N GLY A 19 26.38 -6.51 -12.74
CA GLY A 19 27.13 -7.68 -12.29
C GLY A 19 26.26 -8.88 -11.96
N GLU A 20 26.54 -9.52 -10.84
CA GLU A 20 25.80 -10.70 -10.39
C GLU A 20 24.53 -10.27 -9.61
N PRO A 21 23.51 -11.16 -9.57
CA PRO A 21 22.27 -10.84 -8.86
C PRO A 21 22.41 -10.60 -7.37
N ARG A 22 21.66 -9.62 -6.86
CA ARG A 22 21.69 -9.35 -5.44
C ARG A 22 20.76 -10.36 -4.78
N PHE A 23 21.14 -10.85 -3.61
CA PHE A 23 20.33 -11.83 -2.89
C PHE A 23 20.24 -11.43 -1.42
N ILE A 24 19.02 -11.28 -0.94
CA ILE A 24 18.81 -10.94 0.45
C ILE A 24 17.81 -11.92 1.02
N ALA A 25 18.00 -12.27 2.28
CA ALA A 25 17.10 -13.20 2.92
C ALA A 25 17.00 -12.81 4.38
N MET A 26 15.92 -13.22 5.02
CA MET A 26 15.75 -12.91 6.43
C MET A 26 14.75 -13.86 7.05
N GLY A 27 14.78 -13.92 8.37
CA GLY A 27 13.87 -14.77 9.09
C GLY A 27 13.10 -14.01 10.14
N TYR A 28 11.88 -14.45 10.39
CA TYR A 28 11.04 -13.85 11.39
C TYR A 28 10.34 -14.90 12.22
N VAL A 29 10.01 -14.52 13.45
CA VAL A 29 9.24 -15.34 14.37
C VAL A 29 8.17 -14.30 14.66
N ASP A 30 6.94 -14.54 14.22
CA ASP A 30 5.86 -13.58 14.41
C ASP A 30 6.17 -12.28 13.64
N ASP A 31 6.19 -11.14 14.35
CA ASP A 31 6.48 -9.85 13.73
C ASP A 31 7.90 -9.39 14.02
N THR A 32 8.72 -10.31 14.51
CA THR A 32 10.09 -9.95 14.86
C THR A 32 11.13 -10.61 13.97
N GLN A 33 11.99 -9.79 13.36
CA GLN A 33 13.06 -10.28 12.51
C GLN A 33 14.18 -10.74 13.45
N PHE A 34 14.75 -11.90 13.19
CA PHE A 34 15.83 -12.34 14.07
C PHE A 34 17.10 -12.62 13.29
N VAL A 35 17.00 -12.73 11.97
CA VAL A 35 18.20 -13.00 11.20
C VAL A 35 18.14 -12.36 9.82
N ARG A 36 19.29 -11.94 9.32
CA ARG A 36 19.39 -11.27 8.01
C ARG A 36 20.64 -11.70 7.24
N PHE A 37 20.52 -11.66 5.91
CA PHE A 37 21.62 -12.00 5.01
C PHE A 37 21.53 -11.09 3.77
N ASP A 38 22.68 -10.61 3.30
CA ASP A 38 22.74 -9.72 2.13
C ASP A 38 23.99 -10.04 1.30
N SER A 39 23.80 -10.47 0.06
CA SER A 39 24.93 -10.83 -0.80
C SER A 39 25.89 -9.66 -0.98
N ASP A 40 25.40 -8.44 -0.82
CA ASP A 40 26.24 -7.27 -0.98
C ASP A 40 27.25 -6.99 0.14
N SER A 41 26.92 -7.37 1.37
CA SER A 41 27.84 -7.12 2.48
C SER A 41 29.27 -7.51 2.15
N ALA A 42 30.21 -6.78 2.74
CA ALA A 42 31.63 -7.06 2.54
C ALA A 42 31.84 -8.52 2.94
N SER A 43 31.06 -8.97 3.91
CA SER A 43 31.15 -10.33 4.39
C SER A 43 29.72 -10.90 4.39
N PRO A 44 29.29 -11.44 3.25
CA PRO A 44 27.95 -12.02 3.12
C PRO A 44 27.77 -13.14 4.14
N ARG A 45 26.88 -12.94 5.10
CA ARG A 45 26.63 -13.96 6.11
C ARG A 45 25.37 -13.68 6.90
N MET A 46 24.75 -14.76 7.36
CA MET A 46 23.54 -14.66 8.15
C MET A 46 23.95 -14.03 9.48
N GLU A 47 23.28 -12.97 9.89
CA GLU A 47 23.62 -12.33 11.15
C GLU A 47 22.42 -12.02 12.02
N PRO A 48 22.60 -12.11 13.35
CA PRO A 48 21.56 -11.86 14.34
C PRO A 48 20.94 -10.47 14.33
N ARG A 49 19.62 -10.44 14.55
CA ARG A 49 18.87 -9.18 14.58
C ARG A 49 17.97 -9.15 15.80
N ALA A 50 17.98 -10.23 16.59
CA ALA A 50 17.17 -10.31 17.80
C ALA A 50 18.03 -10.85 18.93
N PRO A 51 17.89 -10.28 20.13
CA PRO A 51 18.68 -10.71 21.29
C PRO A 51 18.62 -12.22 21.58
N TRP A 52 17.45 -12.83 21.38
CA TRP A 52 17.27 -14.25 21.67
C TRP A 52 17.96 -15.26 20.76
N VAL A 53 18.72 -14.77 19.79
CA VAL A 53 19.41 -15.69 18.89
C VAL A 53 20.89 -15.34 18.77
N GLU A 54 21.29 -14.21 19.34
CA GLU A 54 22.69 -13.80 19.28
C GLU A 54 23.58 -14.82 20.00
N GLN A 55 22.96 -15.52 20.95
CA GLN A 55 23.60 -16.54 21.79
C GLN A 55 23.95 -17.83 21.07
N GLU A 56 23.25 -18.16 19.99
CA GLU A 56 23.53 -19.40 19.27
C GLU A 56 25.03 -19.56 18.99
N GLY A 57 25.52 -20.79 19.12
CA GLY A 57 26.92 -21.08 18.90
C GLY A 57 27.44 -20.76 17.52
N PRO A 58 28.77 -20.82 17.31
CA PRO A 58 29.36 -20.53 16.01
C PRO A 58 29.04 -21.56 14.93
N GLU A 59 28.66 -22.77 15.34
CA GLU A 59 28.32 -23.81 14.37
C GLU A 59 27.02 -23.38 13.70
N TYR A 60 26.15 -22.77 14.49
CA TYR A 60 24.86 -22.29 14.01
C TYR A 60 25.07 -21.28 12.89
N TRP A 61 25.79 -20.20 13.16
CA TRP A 61 26.04 -19.16 12.16
C TRP A 61 26.79 -19.71 10.96
N GLU A 62 27.69 -20.65 11.21
CA GLU A 62 28.42 -21.24 10.08
C GLU A 62 27.44 -22.02 9.19
N GLU A 63 26.48 -22.71 9.79
CA GLU A 63 25.56 -23.46 8.96
C GLU A 63 24.50 -22.57 8.32
N GLU A 64 23.93 -21.66 9.10
CA GLU A 64 22.94 -20.74 8.57
C GLU A 64 23.53 -20.00 7.38
N THR A 65 24.78 -19.54 7.54
CA THR A 65 25.47 -18.79 6.49
C THR A 65 25.77 -19.66 5.28
N ARG A 66 26.38 -20.81 5.51
CA ARG A 66 26.72 -21.69 4.41
C ARG A 66 25.48 -22.08 3.59
N ASN A 67 24.37 -22.38 4.26
CA ASN A 67 23.16 -22.75 3.56
C ASN A 67 22.58 -21.62 2.74
N THR A 68 22.50 -20.43 3.32
CA THR A 68 21.94 -19.30 2.60
C THR A 68 22.75 -18.89 1.38
N LYS A 69 24.07 -19.05 1.45
CA LYS A 69 24.91 -18.72 0.30
C LYS A 69 24.54 -19.69 -0.84
N ALA A 70 24.26 -20.94 -0.46
CA ALA A 70 23.86 -21.97 -1.42
C ALA A 70 22.49 -21.62 -2.01
N HIS A 71 21.66 -20.95 -1.21
CA HIS A 71 20.34 -20.53 -1.70
C HIS A 71 20.59 -19.46 -2.76
N ALA A 72 21.49 -18.55 -2.44
CA ALA A 72 21.82 -17.48 -3.36
C ALA A 72 22.28 -18.06 -4.69
N GLN A 73 23.19 -19.02 -4.64
CA GLN A 73 23.72 -19.63 -5.86
C GLN A 73 22.63 -20.32 -6.65
N THR A 74 21.73 -20.98 -5.93
CA THR A 74 20.63 -21.68 -6.58
C THR A 74 19.68 -20.68 -7.23
N ASP A 75 19.25 -19.67 -6.49
CA ASP A 75 18.31 -18.72 -7.08
C ASP A 75 18.90 -17.93 -8.24
N ARG A 76 20.22 -17.73 -8.23
CA ARG A 76 20.85 -17.01 -9.35
C ARG A 76 20.73 -17.89 -10.56
N MET A 77 20.87 -19.19 -10.35
CA MET A 77 20.74 -20.13 -11.43
C MET A 77 19.28 -20.13 -11.87
N ASN A 78 18.37 -20.01 -10.90
CA ASN A 78 16.95 -20.00 -11.20
C ASN A 78 16.59 -18.78 -12.04
N LEU A 79 17.20 -17.64 -11.74
CA LEU A 79 16.93 -16.41 -12.48
C LEU A 79 17.18 -16.56 -13.97
N GLN A 80 18.24 -17.26 -14.33
CA GLN A 80 18.54 -17.46 -15.76
C GLN A 80 17.69 -18.56 -16.36
N THR A 81 17.39 -19.60 -15.57
CA THR A 81 16.54 -20.69 -16.04
C THR A 81 15.15 -20.13 -16.38
N LEU A 82 14.58 -19.35 -15.46
CA LEU A 82 13.27 -18.79 -15.72
C LEU A 82 13.39 -17.80 -16.87
N ARG A 83 14.52 -17.10 -16.96
CA ARG A 83 14.70 -16.14 -18.04
C ARG A 83 14.60 -16.94 -19.34
N GLY A 84 15.06 -18.19 -19.29
CA GLY A 84 14.99 -19.06 -20.44
C GLY A 84 13.55 -19.46 -20.72
N TYR A 85 12.82 -19.86 -19.69
CA TYR A 85 11.43 -20.27 -19.86
C TYR A 85 10.56 -19.18 -20.49
N TYR A 86 10.71 -17.94 -20.04
CA TYR A 86 9.91 -16.85 -20.58
C TYR A 86 10.56 -16.17 -21.79
N ASN A 87 11.68 -16.72 -22.26
CA ASN A 87 12.36 -16.16 -23.42
C ASN A 87 12.54 -14.65 -23.24
N GLN A 88 13.24 -14.26 -22.19
CA GLN A 88 13.45 -12.86 -21.88
C GLN A 88 14.85 -12.35 -22.15
N SER A 89 14.94 -11.04 -22.38
CA SER A 89 16.20 -10.37 -22.65
C SER A 89 17.20 -10.66 -21.54
N GLU A 90 18.46 -10.37 -21.80
CA GLU A 90 19.52 -10.60 -20.83
C GLU A 90 19.92 -9.25 -20.25
N ALA A 91 19.26 -8.20 -20.72
CA ALA A 91 19.53 -6.84 -20.29
C ALA A 91 18.46 -6.30 -19.34
N SER A 92 17.39 -7.07 -19.16
CA SER A 92 16.31 -6.66 -18.28
C SER A 92 16.56 -7.18 -16.87
N SER A 93 16.00 -6.48 -15.88
CA SER A 93 16.15 -6.87 -14.49
C SER A 93 14.95 -7.73 -14.11
N HIS A 94 15.18 -8.79 -13.33
CA HIS A 94 14.08 -9.66 -12.92
C HIS A 94 14.15 -10.04 -11.44
N THR A 95 13.00 -10.32 -10.86
CA THR A 95 12.95 -10.64 -9.43
C THR A 95 12.34 -12.00 -9.09
N LEU A 96 13.09 -12.82 -8.36
CA LEU A 96 12.62 -14.13 -7.94
C LEU A 96 12.49 -14.12 -6.41
N GLN A 97 11.27 -14.12 -5.91
CA GLN A 97 11.06 -14.09 -4.47
C GLN A 97 10.68 -15.46 -3.89
N TRP A 98 11.21 -15.75 -2.70
CA TRP A 98 10.95 -17.02 -2.03
C TRP A 98 10.47 -16.85 -0.60
N MET A 99 9.63 -17.80 -0.18
CA MET A 99 9.08 -17.77 1.15
C MET A 99 8.80 -19.18 1.61
N ILE A 100 9.04 -19.42 2.89
CA ILE A 100 8.77 -20.73 3.47
C ILE A 100 8.42 -20.42 4.92
N GLY A 101 7.57 -21.25 5.52
CA GLY A 101 7.22 -21.00 6.91
C GLY A 101 6.26 -22.00 7.53
N CYS A 102 6.19 -21.99 8.84
CA CYS A 102 5.30 -22.86 9.58
C CYS A 102 4.49 -22.06 10.61
N ASP A 103 3.23 -22.44 10.77
CA ASP A 103 2.35 -21.80 11.75
C ASP A 103 1.95 -22.83 12.79
N LEU A 104 2.02 -22.42 14.05
CA LEU A 104 1.66 -23.27 15.18
C LEU A 104 0.29 -22.86 15.70
N GLY A 105 -0.42 -23.81 16.29
CA GLY A 105 -1.72 -23.49 16.85
C GLY A 105 -1.50 -23.07 18.30
N SER A 106 -2.57 -22.89 19.04
CA SER A 106 -2.48 -22.50 20.45
C SER A 106 -1.62 -23.52 21.19
N ASP A 107 -1.86 -24.81 20.89
CA ASP A 107 -1.15 -25.91 21.52
C ASP A 107 0.31 -26.01 21.11
N GLY A 108 0.71 -25.25 20.10
CA GLY A 108 2.09 -25.26 19.66
C GLY A 108 2.44 -26.35 18.66
N ARG A 109 1.43 -26.93 18.04
CA ARG A 109 1.68 -27.97 17.04
C ARG A 109 1.57 -27.37 15.65
N LEU A 110 2.21 -28.00 14.67
CA LEU A 110 2.16 -27.52 13.30
C LEU A 110 0.73 -27.46 12.80
N LEU A 111 0.24 -26.26 12.56
CA LEU A 111 -1.12 -26.13 12.03
C LEU A 111 -1.12 -26.10 10.48
N ARG A 112 -0.15 -25.40 9.92
CA ARG A 112 -0.04 -25.28 8.48
C ARG A 112 1.36 -24.85 8.07
N GLY A 113 1.81 -25.37 6.92
CA GLY A 113 3.12 -25.04 6.39
C GLY A 113 3.00 -24.41 5.00
N TYR A 114 4.08 -23.77 4.54
CA TYR A 114 4.10 -23.11 3.25
C TYR A 114 5.48 -23.01 2.61
N GLU A 115 5.49 -22.96 1.29
CA GLU A 115 6.69 -22.73 0.50
C GLU A 115 6.21 -22.22 -0.86
N GLN A 116 6.63 -21.01 -1.20
CA GLN A 116 6.21 -20.38 -2.45
C GLN A 116 7.29 -19.56 -3.11
N TYR A 117 7.14 -19.44 -4.42
CA TYR A 117 8.04 -18.68 -5.27
C TYR A 117 7.15 -17.75 -6.08
N ALA A 118 7.68 -16.57 -6.38
CA ALA A 118 6.96 -15.58 -7.16
C ALA A 118 8.01 -15.01 -8.12
N TYR A 119 7.62 -14.81 -9.37
CA TYR A 119 8.55 -14.30 -10.36
C TYR A 119 8.04 -12.97 -10.90
N ASP A 120 8.90 -11.94 -10.84
CA ASP A 120 8.55 -10.60 -11.28
C ASP A 120 7.20 -10.12 -10.75
N GLY A 121 6.96 -10.38 -9.46
CA GLY A 121 5.71 -9.94 -8.84
C GLY A 121 4.52 -10.87 -8.85
N LYS A 122 4.53 -11.90 -9.68
CA LYS A 122 3.40 -12.82 -9.75
C LYS A 122 3.71 -14.18 -9.13
N ASP A 123 2.68 -14.85 -8.63
CA ASP A 123 2.85 -16.18 -8.05
C ASP A 123 3.41 -17.06 -9.16
N TYR A 124 4.37 -17.92 -8.83
CA TYR A 124 4.97 -18.81 -9.80
C TYR A 124 4.73 -20.28 -9.41
N LEU A 125 5.42 -20.76 -8.37
CA LEU A 125 5.23 -22.14 -7.94
C LEU A 125 4.93 -22.18 -6.44
N ALA A 126 3.95 -22.98 -6.05
CA ALA A 126 3.60 -23.09 -4.65
C ALA A 126 3.37 -24.52 -4.18
N LEU A 127 3.83 -24.80 -2.98
CA LEU A 127 3.63 -26.10 -2.36
C LEU A 127 2.21 -25.99 -1.78
N ASN A 128 1.37 -26.99 -2.02
CA ASN A 128 0.00 -26.95 -1.52
C ASN A 128 -0.05 -27.20 -0.02
N GLU A 129 -1.21 -26.90 0.56
CA GLU A 129 -1.47 -27.10 1.99
C GLU A 129 -1.13 -28.50 2.45
N ASP A 130 -1.35 -29.48 1.58
CA ASP A 130 -1.05 -30.86 1.92
C ASP A 130 0.45 -31.10 2.01
N LEU A 131 1.23 -30.14 1.53
CA LEU A 131 2.69 -30.22 1.58
C LEU A 131 3.16 -31.48 0.87
N ARG A 132 2.32 -32.00 -0.01
CA ARG A 132 2.62 -33.22 -0.76
C ARG A 132 2.40 -33.03 -2.25
N SER A 133 2.02 -31.81 -2.65
CA SER A 133 1.79 -31.52 -4.06
C SER A 133 2.05 -30.05 -4.37
N TRP A 134 2.15 -29.74 -5.67
CA TRP A 134 2.42 -28.38 -6.11
C TRP A 134 1.34 -27.78 -7.00
N THR A 135 1.38 -26.47 -7.15
CA THR A 135 0.45 -25.74 -8.01
C THR A 135 1.27 -24.78 -8.86
N ALA A 136 1.16 -24.91 -10.19
CA ALA A 136 1.88 -24.02 -11.09
C ALA A 136 0.94 -22.88 -11.50
N ALA A 137 1.48 -21.66 -11.60
CA ALA A 137 0.65 -20.52 -11.98
C ALA A 137 0.49 -20.38 -13.50
N ASP A 138 1.45 -20.90 -14.26
CA ASP A 138 1.39 -20.83 -15.71
C ASP A 138 2.20 -21.97 -16.35
N THR A 139 2.33 -21.97 -17.67
CA THR A 139 3.05 -23.06 -18.32
C THR A 139 4.52 -23.20 -17.95
N ALA A 140 5.24 -22.10 -17.75
CA ALA A 140 6.64 -22.20 -17.37
C ALA A 140 6.75 -22.91 -16.03
N ALA A 141 5.87 -22.52 -15.10
CA ALA A 141 5.86 -23.11 -13.78
C ALA A 141 5.51 -24.61 -13.85
N GLN A 142 4.76 -25.00 -14.87
CA GLN A 142 4.42 -26.40 -15.03
C GLN A 142 5.69 -27.18 -15.27
N ILE A 143 6.68 -26.54 -15.87
CA ILE A 143 7.96 -27.20 -16.13
C ILE A 143 8.63 -27.45 -14.78
N SER A 144 8.69 -26.41 -13.97
CA SER A 144 9.30 -26.48 -12.64
C SER A 144 8.55 -27.48 -11.76
N LYS A 145 7.24 -27.55 -11.94
CA LYS A 145 6.41 -28.45 -11.17
C LYS A 145 6.77 -29.91 -11.47
N ARG A 146 6.82 -30.26 -12.76
CA ARG A 146 7.16 -31.62 -13.15
C ARG A 146 8.54 -31.98 -12.63
N LYS A 147 9.45 -31.02 -12.72
CA LYS A 147 10.81 -31.25 -12.25
C LYS A 147 10.80 -31.52 -10.74
N CYS A 148 9.90 -30.86 -10.02
CA CYS A 148 9.80 -31.08 -8.58
C CYS A 148 9.19 -32.43 -8.26
N GLU A 149 8.20 -32.83 -9.06
CA GLU A 149 7.53 -34.11 -8.86
C GLU A 149 8.47 -35.25 -9.18
N ALA A 150 9.13 -35.17 -10.32
CA ALA A 150 10.09 -36.20 -10.73
C ALA A 150 11.20 -36.36 -9.71
N ALA A 151 11.44 -35.31 -8.94
CA ALA A 151 12.50 -35.34 -7.94
C ALA A 151 11.97 -35.69 -6.55
N ASN A 152 10.65 -35.84 -6.44
CA ASN A 152 10.01 -36.20 -5.17
C ASN A 152 10.51 -35.32 -4.01
N VAL A 153 10.78 -34.04 -4.31
CA VAL A 153 11.29 -33.11 -3.31
C VAL A 153 10.27 -32.66 -2.27
N ALA A 154 8.99 -32.76 -2.59
CA ALA A 154 7.98 -32.34 -1.64
C ALA A 154 8.24 -32.94 -0.26
N GLU A 155 8.56 -34.24 -0.21
CA GLU A 155 8.83 -34.92 1.06
C GLU A 155 9.94 -34.20 1.82
N GLN A 156 10.99 -33.82 1.12
CA GLN A 156 12.11 -33.12 1.76
C GLN A 156 11.66 -31.80 2.39
N ARG A 157 10.76 -31.09 1.71
CA ARG A 157 10.28 -29.82 2.21
C ARG A 157 9.32 -29.96 3.39
N ARG A 158 8.40 -30.92 3.31
CA ARG A 158 7.46 -31.07 4.41
C ARG A 158 8.20 -31.60 5.65
N ALA A 159 9.23 -32.40 5.41
CA ALA A 159 10.04 -32.94 6.50
C ALA A 159 10.56 -31.75 7.30
N TYR A 160 11.04 -30.74 6.57
CA TYR A 160 11.56 -29.55 7.20
C TYR A 160 10.45 -28.81 7.91
N LEU A 161 9.33 -28.62 7.21
CA LEU A 161 8.19 -27.90 7.77
C LEU A 161 7.57 -28.55 9.01
N GLU A 162 7.58 -29.88 9.06
CA GLU A 162 7.00 -30.57 10.20
C GLU A 162 7.97 -30.74 11.37
N GLY A 163 9.27 -30.77 11.07
CA GLY A 163 10.25 -30.95 12.12
C GLY A 163 11.01 -29.70 12.51
N THR A 164 12.18 -29.54 11.90
CA THR A 164 13.05 -28.40 12.16
C THR A 164 12.32 -27.07 12.34
N CYS A 165 11.45 -26.73 11.40
CA CYS A 165 10.71 -25.48 11.47
C CYS A 165 9.99 -25.32 12.80
N VAL A 166 9.16 -26.30 13.15
CA VAL A 166 8.42 -26.26 14.42
C VAL A 166 9.39 -26.36 15.61
N GLU A 167 10.32 -27.29 15.51
CA GLU A 167 11.30 -27.52 16.57
C GLU A 167 12.04 -26.22 16.95
N TRP A 168 12.70 -25.61 15.98
CA TRP A 168 13.45 -24.39 16.25
C TRP A 168 12.57 -23.20 16.59
N LEU A 169 11.34 -23.21 16.09
CA LEU A 169 10.44 -22.14 16.41
C LEU A 169 10.27 -22.16 17.94
N HIS A 170 10.05 -23.35 18.51
CA HIS A 170 9.89 -23.48 19.95
C HIS A 170 11.13 -22.99 20.69
N ARG A 171 12.31 -23.37 20.20
CA ARG A 171 13.56 -22.96 20.79
C ARG A 171 13.64 -21.44 20.88
N TYR A 172 13.40 -20.76 19.76
CA TYR A 172 13.44 -19.30 19.76
C TYR A 172 12.39 -18.68 20.67
N LEU A 173 11.19 -19.25 20.69
CA LEU A 173 10.09 -18.73 21.50
C LEU A 173 10.41 -18.77 22.98
N GLU A 174 11.33 -19.65 23.34
CA GLU A 174 11.71 -19.76 24.74
C GLU A 174 12.87 -18.83 25.07
N ASN A 175 13.89 -18.82 24.21
CA ASN A 175 15.02 -17.94 24.42
C ASN A 175 14.53 -16.50 24.58
N GLY A 176 13.55 -16.13 23.78
CA GLY A 176 13.02 -14.78 23.83
C GLY A 176 11.64 -14.70 24.41
N LYS A 177 11.34 -15.61 25.34
CA LYS A 177 10.03 -15.65 25.99
C LYS A 177 9.53 -14.26 26.38
N GLU A 178 10.44 -13.42 26.88
CA GLU A 178 10.08 -12.06 27.30
C GLU A 178 9.63 -11.17 26.15
N MET A 179 10.29 -11.31 25.01
CA MET A 179 9.99 -10.51 23.83
C MET A 179 8.90 -11.06 22.92
N LEU A 180 8.91 -12.36 22.71
CA LEU A 180 7.97 -13.00 21.80
C LEU A 180 6.64 -13.47 22.36
N GLN A 181 6.59 -13.80 23.65
CA GLN A 181 5.34 -14.27 24.23
C GLN A 181 4.74 -13.26 25.18
N ARG A 182 5.07 -12.00 24.96
CA ARG A 182 4.58 -10.88 25.75
C ARG A 182 3.89 -9.91 24.80
N ALA A 183 2.70 -9.46 25.16
CA ALA A 183 1.98 -8.51 24.33
C ALA A 183 1.92 -7.18 25.04
N ASP A 184 2.35 -6.12 24.36
CA ASP A 184 2.29 -4.79 24.95
C ASP A 184 0.99 -4.16 24.49
N PRO A 185 0.13 -3.76 25.43
CA PRO A 185 -1.13 -3.14 25.03
C PRO A 185 -0.91 -1.80 24.34
N PRO A 186 -1.90 -1.36 23.56
CA PRO A 186 -1.77 -0.08 22.88
C PRO A 186 -2.10 1.07 23.81
N LYS A 187 -1.30 2.13 23.72
CA LYS A 187 -1.54 3.33 24.50
C LYS A 187 -2.51 4.03 23.57
N THR A 188 -3.68 4.39 24.07
CA THR A 188 -4.69 4.99 23.20
C THR A 188 -5.33 6.31 23.61
N HIS A 189 -5.80 7.05 22.60
CA HIS A 189 -6.51 8.31 22.81
C HIS A 189 -7.19 8.77 21.53
N VAL A 190 -8.05 9.77 21.67
CA VAL A 190 -8.80 10.32 20.55
C VAL A 190 -8.38 11.77 20.32
N THR A 191 -8.39 12.21 19.07
CA THR A 191 -8.05 13.60 18.74
C THR A 191 -9.20 14.25 18.00
N HIS A 192 -9.28 15.57 18.11
CA HIS A 192 -10.33 16.36 17.48
C HIS A 192 -9.74 17.26 16.41
N HIS A 193 -10.35 17.26 15.23
CA HIS A 193 -9.87 18.06 14.12
C HIS A 193 -11.03 18.81 13.50
N PRO A 194 -11.23 20.05 13.94
CA PRO A 194 -12.27 20.98 13.50
C PRO A 194 -12.15 21.50 12.08
N VAL A 195 -13.23 21.40 11.32
CA VAL A 195 -13.29 21.94 9.97
C VAL A 195 -14.27 23.09 10.12
N PHE A 196 -13.73 24.28 10.34
CA PHE A 196 -14.56 25.44 10.56
C PHE A 196 -15.58 25.14 11.65
N ASP A 197 -16.85 25.43 11.39
CA ASP A 197 -17.88 25.22 12.39
C ASP A 197 -18.95 24.17 12.07
N TYR A 198 -18.86 23.51 10.92
CA TYR A 198 -19.88 22.53 10.56
C TYR A 198 -19.55 21.05 10.71
N GLU A 199 -18.29 20.73 10.98
CA GLU A 199 -17.92 19.32 11.18
C GLU A 199 -16.53 19.18 11.73
N ALA A 200 -16.14 17.93 12.00
CA ALA A 200 -14.82 17.63 12.52
C ALA A 200 -14.55 16.15 12.40
N THR A 201 -13.27 15.80 12.36
CA THR A 201 -12.85 14.42 12.24
C THR A 201 -12.40 13.94 13.62
N LEU A 202 -12.87 12.77 14.02
CA LEU A 202 -12.47 12.19 15.30
C LEU A 202 -11.47 11.09 14.96
N ARG A 203 -10.26 11.21 15.47
CA ARG A 203 -9.25 10.19 15.18
C ARG A 203 -8.88 9.42 16.43
N CYS A 204 -8.95 8.09 16.32
CA CYS A 204 -8.64 7.19 17.42
C CYS A 204 -7.27 6.57 17.20
N TRP A 205 -6.38 6.76 18.16
CA TRP A 205 -5.02 6.23 18.05
C TRP A 205 -4.71 5.04 18.95
N ALA A 206 -3.91 4.13 18.43
CA ALA A 206 -3.45 2.95 19.15
C ALA A 206 -1.94 3.00 18.90
N LEU A 207 -1.18 3.28 19.94
CA LEU A 207 0.27 3.39 19.81
C LEU A 207 1.05 2.41 20.68
N GLY A 208 2.32 2.22 20.32
CA GLY A 208 3.20 1.34 21.04
C GLY A 208 2.69 -0.04 21.43
N PHE A 209 1.99 -0.73 20.52
CA PHE A 209 1.51 -2.07 20.84
C PHE A 209 2.24 -3.18 20.09
N TYR A 210 2.07 -4.40 20.57
CA TYR A 210 2.68 -5.58 19.97
C TYR A 210 1.95 -6.83 20.49
N PRO A 211 1.67 -7.80 19.61
CA PRO A 211 1.98 -7.81 18.18
C PRO A 211 1.16 -6.80 17.38
N ALA A 212 1.36 -6.82 16.07
CA ALA A 212 0.69 -5.90 15.15
C ALA A 212 -0.82 -6.07 14.97
N GLU A 213 -1.31 -7.30 15.07
CA GLU A 213 -2.74 -7.52 14.91
C GLU A 213 -3.53 -6.67 15.91
N ILE A 214 -4.54 -5.96 15.42
CA ILE A 214 -5.36 -5.10 16.26
C ILE A 214 -6.66 -4.76 15.55
N ILE A 215 -7.71 -4.46 16.32
CA ILE A 215 -9.01 -4.11 15.77
C ILE A 215 -9.45 -2.74 16.28
N LEU A 216 -9.57 -1.79 15.36
CA LEU A 216 -10.01 -0.43 15.69
C LEU A 216 -11.29 -0.14 14.91
N THR A 217 -12.34 0.25 15.61
CA THR A 217 -13.60 0.57 14.94
C THR A 217 -14.33 1.69 15.67
N TRP A 218 -15.14 2.41 14.90
CA TRP A 218 -15.92 3.50 15.44
C TRP A 218 -17.38 3.11 15.59
N GLN A 219 -17.96 3.50 16.71
CA GLN A 219 -19.36 3.22 16.97
C GLN A 219 -20.10 4.53 17.24
N ARG A 220 -21.29 4.65 16.67
CA ARG A 220 -22.14 5.81 16.88
C ARG A 220 -23.33 5.27 17.66
N ASP A 221 -23.62 5.86 18.82
CA ASP A 221 -24.73 5.37 19.63
C ASP A 221 -24.60 3.85 19.66
N GLY A 222 -23.37 3.37 19.74
CA GLY A 222 -23.13 1.95 19.77
C GLY A 222 -23.56 1.30 18.47
N GLU A 223 -22.65 1.31 17.49
CA GLU A 223 -22.90 0.74 16.17
C GLU A 223 -21.74 1.09 15.26
N ASP A 224 -21.25 0.13 14.49
CA ASP A 224 -20.14 0.37 13.60
C ASP A 224 -20.43 1.25 12.40
N GLN A 225 -19.65 2.33 12.29
CA GLN A 225 -19.78 3.26 11.18
C GLN A 225 -18.76 2.78 10.17
N THR A 226 -18.29 1.55 10.40
CA THR A 226 -17.30 0.88 9.57
C THR A 226 -17.27 1.26 8.10
N GLN A 227 -18.40 1.71 7.56
CA GLN A 227 -18.45 2.09 6.16
C GLN A 227 -17.87 3.47 5.88
N ASP A 228 -17.99 4.39 6.84
CA ASP A 228 -17.47 5.75 6.66
C ASP A 228 -16.22 6.02 7.48
N VAL A 229 -15.60 4.97 8.02
CA VAL A 229 -14.41 5.13 8.84
C VAL A 229 -13.11 5.03 8.05
N GLU A 230 -12.21 6.01 8.27
CA GLU A 230 -10.92 6.03 7.60
C GLU A 230 -9.99 5.14 8.43
N LEU A 231 -9.29 4.26 7.77
CA LEU A 231 -8.41 3.33 8.47
C LEU A 231 -7.07 3.17 7.74
N VAL A 232 -5.98 3.57 8.41
CA VAL A 232 -4.64 3.45 7.83
C VAL A 232 -4.01 2.09 8.09
N GLU A 233 -3.20 1.63 7.15
CA GLU A 233 -2.52 0.36 7.31
C GLU A 233 -1.76 0.46 8.64
N THR A 234 -1.66 -0.65 9.37
CA THR A 234 -0.94 -0.62 10.64
C THR A 234 0.54 -0.39 10.29
N ARG A 235 1.17 0.52 11.04
CA ARG A 235 2.55 0.88 10.75
C ARG A 235 3.54 0.68 11.90
N PRO A 236 4.81 0.42 11.56
CA PRO A 236 5.84 0.22 12.58
C PRO A 236 6.27 1.57 13.17
N ALA A 237 6.38 1.63 14.48
CA ALA A 237 6.77 2.86 15.14
C ALA A 237 8.26 3.03 14.97
N GLY A 238 8.94 1.91 14.76
CA GLY A 238 10.39 1.93 14.59
C GLY A 238 11.14 1.40 15.80
N ASP A 239 10.44 1.19 16.91
CA ASP A 239 11.08 0.69 18.13
C ASP A 239 10.72 -0.77 18.39
N GLY A 240 9.90 -1.34 17.52
CA GLY A 240 9.49 -2.72 17.67
C GLY A 240 7.99 -2.80 17.91
N THR A 241 7.37 -1.66 18.22
CA THR A 241 5.93 -1.61 18.46
C THR A 241 5.24 -1.07 17.21
N PHE A 242 3.91 -1.07 17.22
CA PHE A 242 3.15 -0.62 16.06
C PHE A 242 2.14 0.49 16.36
N GLN A 243 1.59 1.08 15.31
CA GLN A 243 0.60 2.12 15.46
C GLN A 243 -0.51 1.89 14.47
N LYS A 244 -1.64 2.54 14.73
CA LYS A 244 -2.81 2.50 13.87
C LYS A 244 -3.83 3.50 14.37
N TRP A 245 -4.52 4.16 13.46
CA TRP A 245 -5.58 5.07 13.86
C TRP A 245 -6.79 4.87 12.96
N ALA A 246 -7.93 5.31 13.43
CA ALA A 246 -9.16 5.20 12.67
C ALA A 246 -9.87 6.53 12.84
N ALA A 247 -10.40 7.05 11.75
CA ALA A 247 -11.07 8.33 11.79
C ALA A 247 -12.49 8.28 11.27
N VAL A 248 -13.25 9.32 11.59
CA VAL A 248 -14.63 9.43 11.16
C VAL A 248 -15.06 10.89 11.22
N VAL A 249 -15.61 11.36 10.12
CA VAL A 249 -16.08 12.73 10.01
C VAL A 249 -17.48 12.81 10.62
N VAL A 250 -17.67 13.75 11.52
CA VAL A 250 -18.95 13.92 12.19
C VAL A 250 -19.39 15.38 12.23
N PRO A 251 -20.71 15.62 12.32
CA PRO A 251 -21.22 17.00 12.37
C PRO A 251 -20.86 17.60 13.72
N SER A 252 -20.58 18.89 13.74
CA SER A 252 -20.27 19.53 15.00
C SER A 252 -21.42 19.15 15.95
N GLY A 253 -21.11 18.98 17.23
CA GLY A 253 -22.15 18.64 18.19
C GLY A 253 -22.72 17.24 18.13
N GLU A 254 -21.90 16.25 17.81
CA GLU A 254 -22.37 14.87 17.78
C GLU A 254 -21.24 13.94 18.16
N GLU A 255 -20.16 14.53 18.67
CA GLU A 255 -18.99 13.79 19.10
C GLU A 255 -19.29 12.70 20.13
N GLN A 256 -19.96 13.09 21.21
CA GLN A 256 -20.29 12.16 22.29
C GLN A 256 -21.05 10.92 21.86
N ARG A 257 -21.76 11.02 20.74
CA ARG A 257 -22.50 9.89 20.23
C ARG A 257 -21.52 8.85 19.64
N TYR A 258 -20.24 9.22 19.61
CA TYR A 258 -19.20 8.34 19.06
C TYR A 258 -18.22 7.82 20.10
N THR A 259 -17.90 6.54 19.97
CA THR A 259 -16.96 5.87 20.85
C THR A 259 -16.04 4.96 20.02
N CYS A 260 -14.78 4.88 20.43
CA CYS A 260 -13.83 4.05 19.71
C CYS A 260 -13.68 2.73 20.43
N HIS A 261 -13.70 1.65 19.64
CA HIS A 261 -13.56 0.31 20.18
C HIS A 261 -12.17 -0.21 19.78
N VAL A 262 -11.36 -0.58 20.77
CA VAL A 262 -10.01 -1.07 20.51
C VAL A 262 -9.83 -2.48 21.04
N GLN A 263 -9.46 -3.41 20.17
CA GLN A 263 -9.27 -4.80 20.57
C GLN A 263 -7.83 -5.27 20.35
N HIS A 264 -7.14 -5.61 21.43
CA HIS A 264 -5.76 -6.10 21.31
C HIS A 264 -5.44 -7.21 22.30
N GLU A 265 -4.54 -8.10 21.89
CA GLU A 265 -4.10 -9.24 22.68
C GLU A 265 -3.60 -8.88 24.08
N GLY A 266 -3.10 -7.64 24.24
CA GLY A 266 -2.58 -7.22 25.53
C GLY A 266 -3.57 -6.51 26.43
N LEU A 267 -4.84 -6.53 26.04
CA LEU A 267 -5.90 -5.88 26.80
C LEU A 267 -6.81 -6.89 27.51
N PRO A 268 -7.00 -6.74 28.83
CA PRO A 268 -7.86 -7.68 29.57
C PRO A 268 -9.22 -7.73 28.89
N GLU A 269 -9.72 -6.56 28.52
CA GLU A 269 -11.00 -6.45 27.83
C GLU A 269 -10.91 -5.26 26.90
N PRO A 270 -11.53 -5.37 25.71
CA PRO A 270 -11.49 -4.27 24.75
C PRO A 270 -11.94 -2.98 25.41
N LEU A 271 -11.05 -2.00 25.48
CA LEU A 271 -11.38 -0.73 26.08
C LEU A 271 -12.25 0.09 25.14
N MET A 272 -12.97 1.05 25.71
CA MET A 272 -13.86 1.91 24.94
C MET A 272 -13.47 3.35 25.21
N LEU A 273 -13.29 4.13 24.15
CA LEU A 273 -12.89 5.53 24.30
C LEU A 273 -13.91 6.49 23.73
N ARG A 274 -13.84 7.74 24.20
CA ARG A 274 -14.72 8.80 23.77
C ARG A 274 -13.97 10.10 23.92
N TRP A 275 -14.16 11.02 22.99
CA TRP A 275 -13.49 12.31 23.04
C TRP A 275 -13.89 13.04 24.32
N LYS A 276 -12.92 13.67 24.97
CA LYS A 276 -13.19 14.41 26.20
C LYS A 276 -13.15 15.91 25.92
N GLN A 277 -14.29 16.57 26.06
CA GLN A 277 -14.37 18.02 25.83
C GLN A 277 -13.60 18.82 26.88
N MET B 1 4.53 -8.03 -16.67
CA MET B 1 5.31 -8.69 -15.57
C MET B 1 4.64 -8.39 -14.25
N ILE B 2 4.06 -7.19 -14.16
CA ILE B 2 3.37 -6.73 -12.97
C ILE B 2 4.24 -5.87 -12.09
N GLN B 3 3.78 -4.65 -11.83
CA GLN B 3 4.48 -3.70 -10.98
C GLN B 3 3.40 -3.13 -10.07
N ARG B 4 3.81 -2.63 -8.91
CA ARG B 4 2.85 -2.05 -7.96
C ARG B 4 3.37 -0.71 -7.46
N THR B 5 2.45 0.22 -7.25
CA THR B 5 2.86 1.53 -6.80
C THR B 5 3.13 1.56 -5.31
N PRO B 6 4.05 2.42 -4.90
CA PRO B 6 4.38 2.53 -3.47
C PRO B 6 3.34 3.35 -2.74
N LYS B 7 2.99 2.91 -1.54
CA LYS B 7 2.05 3.63 -0.70
C LYS B 7 2.91 4.28 0.38
N ILE B 8 2.42 5.38 0.97
CA ILE B 8 3.22 6.09 1.95
C ILE B 8 2.47 6.64 3.18
N GLN B 9 3.14 6.60 4.32
CA GLN B 9 2.60 7.16 5.54
C GLN B 9 3.81 7.83 6.15
N VAL B 10 3.64 9.09 6.53
CA VAL B 10 4.73 9.84 7.16
C VAL B 10 4.26 10.16 8.56
N TYR B 11 5.05 9.83 9.57
CA TYR B 11 4.61 10.09 10.93
C TYR B 11 5.75 10.01 11.92
N SER B 12 5.48 10.48 13.13
CA SER B 12 6.48 10.46 14.19
C SER B 12 6.30 9.23 15.07
N ARG B 13 7.40 8.77 15.64
CA ARG B 13 7.42 7.62 16.52
C ARG B 13 6.57 7.86 17.76
N HIS B 14 6.63 9.08 18.27
CA HIS B 14 5.87 9.44 19.45
C HIS B 14 5.03 10.66 19.08
N PRO B 15 3.96 10.95 19.84
CA PRO B 15 3.13 12.12 19.52
C PRO B 15 4.01 13.37 19.50
N ALA B 16 3.86 14.16 18.45
CA ALA B 16 4.68 15.34 18.28
C ALA B 16 4.45 16.46 19.27
N GLU B 17 5.56 16.92 19.85
CA GLU B 17 5.53 18.04 20.76
C GLU B 17 6.80 18.86 20.52
N ASN B 18 6.60 20.07 20.02
CA ASN B 18 7.70 20.97 19.70
C ASN B 18 8.79 21.02 20.79
N GLY B 19 10.04 21.03 20.35
CA GLY B 19 11.14 21.10 21.28
C GLY B 19 11.55 19.78 21.89
N LYS B 20 10.72 18.75 21.76
CA LYS B 20 11.06 17.45 22.33
C LYS B 20 11.52 16.49 21.24
N SER B 21 12.68 15.88 21.46
CA SER B 21 13.26 14.95 20.51
C SER B 21 12.28 13.84 20.13
N ASN B 22 12.35 13.39 18.87
CA ASN B 22 11.46 12.35 18.36
C ASN B 22 12.09 11.69 17.14
N PHE B 23 11.29 10.87 16.46
CA PHE B 23 11.73 10.16 15.26
C PHE B 23 10.71 10.35 14.13
N LEU B 24 11.17 10.80 12.97
CA LEU B 24 10.29 10.99 11.84
C LEU B 24 10.39 9.72 11.00
N ASN B 25 9.24 9.13 10.71
CA ASN B 25 9.20 7.89 9.94
C ASN B 25 8.54 8.04 8.59
N CYS B 26 9.06 7.30 7.62
CA CYS B 26 8.44 7.28 6.31
C CYS B 26 8.27 5.81 5.96
N TYR B 27 7.03 5.33 6.07
CA TYR B 27 6.74 3.94 5.78
C TYR B 27 6.26 3.82 4.34
N VAL B 28 7.03 3.08 3.54
CA VAL B 28 6.74 2.89 2.12
C VAL B 28 6.48 1.41 1.86
N SER B 29 5.32 1.10 1.29
CA SER B 29 4.95 -0.28 1.08
C SER B 29 4.18 -0.57 -0.19
N GLY B 30 3.92 -1.87 -0.40
CA GLY B 30 3.16 -2.33 -1.55
C GLY B 30 3.75 -2.14 -2.94
N PHE B 31 5.04 -1.79 -3.03
CA PHE B 31 5.62 -1.57 -4.35
C PHE B 31 6.35 -2.75 -4.98
N HIS B 32 6.45 -2.70 -6.30
CA HIS B 32 7.14 -3.73 -7.05
C HIS B 32 7.50 -3.16 -8.41
N PRO B 33 8.76 -3.35 -8.86
CA PRO B 33 9.86 -4.06 -8.18
C PRO B 33 10.42 -3.30 -6.99
N SER B 34 11.49 -3.84 -6.39
CA SER B 34 12.11 -3.26 -5.20
C SER B 34 12.99 -2.01 -5.38
N ASP B 35 13.51 -1.80 -6.58
CA ASP B 35 14.35 -0.62 -6.85
C ASP B 35 13.49 0.59 -6.48
N ILE B 36 13.98 1.43 -5.58
CA ILE B 36 13.21 2.59 -5.16
C ILE B 36 14.12 3.64 -4.53
N GLU B 37 13.70 4.90 -4.54
CA GLU B 37 14.50 5.97 -3.91
C GLU B 37 13.52 6.65 -2.96
N VAL B 38 13.96 6.90 -1.73
CA VAL B 38 13.10 7.52 -0.71
C VAL B 38 13.92 8.57 0.06
N ASP B 39 13.43 9.81 0.11
CA ASP B 39 14.15 10.89 0.81
C ASP B 39 13.30 11.57 1.88
N LEU B 40 13.94 11.95 2.99
CA LEU B 40 13.23 12.67 4.03
C LEU B 40 13.64 14.12 3.85
N LEU B 41 12.67 15.03 3.87
CA LEU B 41 12.98 16.42 3.66
C LEU B 41 12.56 17.35 4.78
N LYS B 42 13.40 18.35 5.01
CA LYS B 42 13.14 19.38 6.00
C LYS B 42 13.10 20.66 5.16
N ASN B 43 11.92 21.24 5.04
CA ASN B 43 11.74 22.46 4.27
C ASN B 43 12.24 22.38 2.82
N GLY B 44 12.17 21.19 2.23
CA GLY B 44 12.60 21.02 0.85
C GLY B 44 14.01 20.48 0.69
N GLU B 45 14.79 20.56 1.77
CA GLU B 45 16.16 20.10 1.78
C GLU B 45 16.24 18.61 2.19
N ARG B 46 16.87 17.80 1.36
CA ARG B 46 17.03 16.37 1.62
C ARG B 46 17.95 16.13 2.81
N ILE B 47 17.58 15.17 3.67
CA ILE B 47 18.38 14.83 4.84
C ILE B 47 19.17 13.57 4.56
N GLU B 48 20.49 13.66 4.67
CA GLU B 48 21.33 12.50 4.40
C GLU B 48 21.44 11.51 5.56
N LYS B 49 21.49 11.99 6.81
CA LYS B 49 21.60 11.03 7.91
C LYS B 49 20.24 10.43 8.21
N VAL B 50 20.00 9.28 7.60
CA VAL B 50 18.76 8.60 7.81
C VAL B 50 19.05 7.12 7.95
N GLU B 51 18.13 6.40 8.56
CA GLU B 51 18.24 4.96 8.74
C GLU B 51 17.04 4.38 8.05
N HIS B 52 17.20 3.16 7.57
CA HIS B 52 16.09 2.48 6.91
C HIS B 52 16.17 1.04 7.38
N SER B 53 15.00 0.41 7.54
CA SER B 53 14.96 -0.97 7.94
C SER B 53 15.49 -1.80 6.78
N ASP B 54 15.58 -3.10 6.98
CA ASP B 54 16.04 -3.97 5.92
C ASP B 54 14.87 -4.09 4.94
N LEU B 55 15.17 -4.16 3.65
CA LEU B 55 14.11 -4.33 2.66
C LEU B 55 13.37 -5.61 3.01
N SER B 56 12.05 -5.60 2.91
CA SER B 56 11.28 -6.79 3.23
C SER B 56 10.06 -6.81 2.32
N PHE B 57 9.13 -7.74 2.58
CA PHE B 57 7.91 -7.81 1.79
C PHE B 57 6.77 -8.62 2.42
N SER B 58 5.56 -8.40 1.92
CA SER B 58 4.36 -9.08 2.43
C SER B 58 4.12 -10.37 1.64
N LYS B 59 3.26 -11.25 2.15
CA LYS B 59 3.02 -12.48 1.39
C LYS B 59 2.13 -12.21 0.20
N ASP B 60 2.06 -10.94 -0.20
CA ASP B 60 1.31 -10.55 -1.39
C ASP B 60 2.49 -10.23 -2.33
N TRP B 61 3.68 -10.49 -1.79
CA TRP B 61 4.96 -10.29 -2.46
C TRP B 61 5.44 -8.85 -2.62
N SER B 62 4.55 -7.88 -2.42
CA SER B 62 4.93 -6.48 -2.54
C SER B 62 5.94 -6.14 -1.46
N PHE B 63 6.85 -5.23 -1.79
CA PHE B 63 7.91 -4.79 -0.88
C PHE B 63 7.49 -3.62 0.03
N TYR B 64 8.21 -3.49 1.14
CA TYR B 64 7.96 -2.41 2.09
C TYR B 64 9.25 -2.09 2.84
N LEU B 65 9.43 -0.81 3.15
CA LEU B 65 10.60 -0.32 3.85
C LEU B 65 10.21 0.79 4.80
N LEU B 66 11.02 1.00 5.82
CA LEU B 66 10.78 2.07 6.76
C LEU B 66 12.05 2.94 6.79
N TYR B 67 11.86 4.24 6.65
CA TYR B 67 12.96 5.20 6.71
C TYR B 67 12.66 6.08 7.91
N TYR B 68 13.69 6.40 8.68
CA TYR B 68 13.50 7.24 9.85
C TYR B 68 14.76 8.04 10.18
N THR B 69 14.59 9.04 11.02
CA THR B 69 15.69 9.88 11.43
C THR B 69 15.25 10.63 12.67
N GLU B 70 16.17 10.79 13.62
CA GLU B 70 15.86 11.53 14.83
C GLU B 70 15.56 12.95 14.38
N PHE B 71 14.57 13.58 15.01
CA PHE B 71 14.23 14.96 14.68
C PHE B 71 13.50 15.57 15.86
N THR B 72 13.43 16.90 15.88
CA THR B 72 12.73 17.57 16.94
C THR B 72 11.66 18.42 16.27
N PRO B 73 10.39 18.15 16.57
CA PRO B 73 9.27 18.88 15.98
C PRO B 73 9.41 20.38 16.18
N THR B 74 9.04 21.12 15.13
CA THR B 74 9.10 22.57 15.13
C THR B 74 7.72 23.07 14.78
N GLU B 75 7.42 24.30 15.17
CA GLU B 75 6.13 24.89 14.85
C GLU B 75 6.22 25.46 13.45
N LYS B 76 7.45 25.63 12.96
CA LYS B 76 7.66 26.19 11.63
C LYS B 76 8.41 25.30 10.63
N ASP B 77 9.09 24.27 11.11
CA ASP B 77 9.80 23.37 10.19
C ASP B 77 8.84 22.39 9.52
N GLU B 78 8.89 22.33 8.20
CA GLU B 78 8.03 21.44 7.43
C GLU B 78 8.80 20.19 6.99
N TYR B 79 8.26 19.02 7.32
CA TYR B 79 8.89 17.76 6.94
C TYR B 79 8.08 17.02 5.89
N ALA B 80 8.77 16.26 5.05
CA ALA B 80 8.10 15.50 4.00
C ALA B 80 8.93 14.31 3.58
N CYS B 81 8.28 13.37 2.90
CA CYS B 81 8.96 12.17 2.42
C CYS B 81 8.74 12.12 0.91
N ARG B 82 9.81 11.84 0.17
CA ARG B 82 9.70 11.79 -1.28
C ARG B 82 10.08 10.41 -1.77
N VAL B 83 9.26 9.87 -2.65
CA VAL B 83 9.51 8.54 -3.20
C VAL B 83 9.50 8.57 -4.71
N ASN B 84 10.46 7.86 -5.30
CA ASN B 84 10.55 7.77 -6.76
C ASN B 84 10.58 6.29 -7.06
N HIS B 85 9.85 5.88 -8.09
CA HIS B 85 9.76 4.47 -8.45
C HIS B 85 9.29 4.34 -9.90
N VAL B 86 9.64 3.25 -10.56
CA VAL B 86 9.26 3.08 -11.95
C VAL B 86 7.76 3.13 -12.26
N THR B 87 6.92 3.04 -11.23
CA THR B 87 5.48 3.08 -11.45
C THR B 87 4.92 4.51 -11.42
N LEU B 88 5.75 5.46 -11.02
CA LEU B 88 5.33 6.87 -10.92
C LEU B 88 5.80 7.78 -12.07
N SER B 89 4.91 8.59 -12.60
CA SER B 89 5.27 9.50 -13.69
C SER B 89 6.16 10.60 -13.10
N GLN B 90 5.95 10.90 -11.83
CA GLN B 90 6.78 11.89 -11.12
C GLN B 90 6.89 11.45 -9.66
N PRO B 91 7.90 11.95 -8.93
CA PRO B 91 7.99 11.51 -7.54
C PRO B 91 6.75 11.82 -6.71
N LYS B 92 6.44 10.93 -5.78
CA LYS B 92 5.29 11.08 -4.90
C LYS B 92 5.80 11.70 -3.60
N ILE B 93 5.23 12.85 -3.27
CA ILE B 93 5.61 13.58 -2.06
C ILE B 93 4.45 13.63 -1.09
N VAL B 94 4.77 13.43 0.18
CA VAL B 94 3.76 13.46 1.22
C VAL B 94 4.26 14.28 2.39
N LYS B 95 3.62 15.43 2.61
CA LYS B 95 3.98 16.33 3.70
C LYS B 95 3.64 15.65 5.01
N TRP B 96 4.35 16.00 6.07
CA TRP B 96 4.08 15.41 7.38
C TRP B 96 3.08 16.23 8.19
N ASP B 97 1.99 15.57 8.58
CA ASP B 97 0.95 16.19 9.38
C ASP B 97 0.97 15.48 10.72
N ARG B 98 1.25 16.21 11.80
CA ARG B 98 1.32 15.57 13.11
C ARG B 98 0.00 14.96 13.58
N ASP B 99 -1.07 15.19 12.83
CA ASP B 99 -2.39 14.65 13.17
C ASP B 99 -2.68 13.33 12.47
N MET B 100 -1.67 12.75 11.82
CA MET B 100 -1.90 11.51 11.11
C MET B 100 -0.73 10.54 11.18
N ARG C 1 16.19 -21.76 12.35
CA ARG C 1 17.06 -22.60 11.49
C ARG C 1 16.43 -22.68 10.11
N ILE C 2 17.18 -22.26 9.10
CA ILE C 2 16.66 -22.25 7.74
C ILE C 2 16.87 -23.57 6.97
N ILE C 3 15.88 -23.93 6.13
CA ILE C 3 15.93 -25.13 5.33
C ILE C 3 17.25 -25.12 4.57
N PRO C 4 17.86 -26.30 4.33
CA PRO C 4 19.15 -26.29 3.63
C PRO C 4 19.24 -25.77 2.22
N ARG C 5 18.30 -26.13 1.36
CA ARG C 5 18.37 -25.68 -0.02
C ARG C 5 17.10 -25.06 -0.60
N HIS C 6 17.27 -24.37 -1.72
CA HIS C 6 16.15 -23.76 -2.44
C HIS C 6 15.93 -24.72 -3.60
N LEU C 7 14.71 -24.79 -4.09
CA LEU C 7 14.38 -25.67 -5.19
C LEU C 7 15.07 -25.23 -6.48
N GLN C 8 15.47 -26.20 -7.30
CA GLN C 8 16.08 -25.90 -8.59
C GLN C 8 14.89 -25.85 -9.54
N LEU C 9 14.43 -24.64 -9.83
CA LEU C 9 13.28 -24.45 -10.71
C LEU C 9 13.51 -24.81 -12.18
N ILE D 3 -34.84 26.91 -0.60
CA ILE D 3 -34.14 27.71 -1.65
C ILE D 3 -33.54 26.87 -2.77
N PRO D 4 -33.20 27.51 -3.89
CA PRO D 4 -32.61 26.82 -5.06
C PRO D 4 -31.35 26.02 -4.74
N LYS D 5 -31.29 24.77 -5.22
CA LYS D 5 -30.13 23.90 -5.01
C LYS D 5 -28.95 24.46 -5.80
N PRO D 6 -27.78 24.59 -5.15
CA PRO D 6 -26.59 25.12 -5.82
C PRO D 6 -25.93 24.16 -6.82
N THR D 7 -25.12 24.73 -7.68
CA THR D 7 -24.37 23.98 -8.67
C THR D 7 -22.92 24.09 -8.25
N LEU D 8 -22.20 22.97 -8.33
CA LEU D 8 -20.80 22.93 -7.96
C LEU D 8 -19.96 22.46 -9.15
N TRP D 9 -19.03 23.29 -9.62
CA TRP D 9 -18.18 22.87 -10.72
C TRP D 9 -16.73 23.26 -10.57
N ALA D 10 -15.90 22.64 -11.38
CA ALA D 10 -14.47 22.88 -11.38
C ALA D 10 -14.02 23.52 -12.68
N GLU D 11 -13.05 24.43 -12.57
CA GLU D 11 -12.50 25.12 -13.74
C GLU D 11 -10.99 24.95 -13.61
N PRO D 12 -10.32 24.55 -14.71
CA PRO D 12 -10.75 24.22 -16.07
C PRO D 12 -11.70 23.06 -16.19
N ASP D 13 -11.58 22.08 -15.29
CA ASP D 13 -12.43 20.91 -15.36
C ASP D 13 -12.33 20.09 -14.07
N SER D 14 -13.06 18.99 -14.01
CA SER D 14 -13.03 18.12 -12.83
C SER D 14 -11.90 17.10 -12.96
N VAL D 15 -11.37 16.96 -14.17
CA VAL D 15 -10.27 16.04 -14.41
C VAL D 15 -9.05 16.87 -14.72
N ILE D 16 -8.12 16.94 -13.78
CA ILE D 16 -6.91 17.75 -13.95
C ILE D 16 -5.64 16.94 -13.80
N THR D 17 -4.65 17.30 -14.61
CA THR D 17 -3.37 16.62 -14.58
C THR D 17 -2.57 17.16 -13.40
N GLN D 18 -1.86 16.25 -12.73
CA GLN D 18 -1.04 16.54 -11.56
C GLN D 18 -0.17 17.80 -11.67
N GLY D 19 -0.39 18.70 -10.72
CA GLY D 19 0.37 19.94 -10.67
C GLY D 19 -0.44 21.15 -11.12
N SER D 20 -1.35 20.94 -12.05
CA SER D 20 -2.18 22.03 -12.56
C SER D 20 -3.12 22.61 -11.50
N PRO D 21 -3.60 23.83 -11.73
CA PRO D 21 -4.51 24.54 -10.83
C PRO D 21 -5.96 24.21 -11.16
N VAL D 22 -6.85 24.40 -10.20
CA VAL D 22 -8.26 24.15 -10.45
C VAL D 22 -9.06 24.88 -9.39
N THR D 23 -10.21 25.40 -9.80
CA THR D 23 -11.07 26.11 -8.89
C THR D 23 -12.43 25.44 -8.81
N LEU D 24 -12.86 25.17 -7.59
CA LEU D 24 -14.15 24.57 -7.34
C LEU D 24 -15.04 25.72 -6.92
N SER D 25 -16.05 26.02 -7.71
CA SER D 25 -16.94 27.10 -7.39
C SER D 25 -18.35 26.64 -7.12
N CYS D 26 -18.88 27.03 -5.98
CA CYS D 26 -20.23 26.69 -5.58
C CYS D 26 -21.11 27.87 -6.00
N GLN D 27 -21.99 27.65 -6.98
CA GLN D 27 -22.86 28.71 -7.46
C GLN D 27 -24.28 28.61 -6.93
N GLY D 28 -24.51 29.25 -5.78
CA GLY D 28 -25.82 29.25 -5.19
C GLY D 28 -26.61 30.48 -5.63
N SER D 29 -27.40 31.03 -4.73
CA SER D 29 -28.19 32.21 -5.06
C SER D 29 -27.29 33.43 -4.97
N LEU D 30 -27.84 34.60 -5.28
CA LEU D 30 -27.08 35.84 -5.24
C LEU D 30 -27.04 36.37 -3.79
N GLU D 31 -28.00 35.93 -2.99
CA GLU D 31 -28.11 36.34 -1.61
C GLU D 31 -27.32 35.40 -0.69
N ALA D 32 -26.53 34.51 -1.30
CA ALA D 32 -25.75 33.57 -0.52
C ALA D 32 -24.87 34.36 0.45
N GLN D 33 -24.99 34.03 1.74
CA GLN D 33 -24.24 34.69 2.79
C GLN D 33 -23.08 33.83 3.29
N GLU D 34 -23.08 32.55 2.92
CA GLU D 34 -22.02 31.65 3.35
C GLU D 34 -21.99 30.38 2.50
N TYR D 35 -20.86 29.70 2.50
CA TYR D 35 -20.70 28.48 1.73
C TYR D 35 -20.01 27.38 2.53
N ARG D 36 -20.46 26.16 2.32
CA ARG D 36 -19.88 25.00 2.99
C ARG D 36 -19.48 23.98 1.93
N LEU D 37 -18.21 23.58 1.94
CA LEU D 37 -17.72 22.60 0.97
C LEU D 37 -17.47 21.28 1.68
N TYR D 38 -18.13 20.23 1.22
CA TYR D 38 -17.96 18.91 1.83
C TYR D 38 -17.23 17.94 0.90
N ARG D 39 -16.65 16.91 1.50
CA ARG D 39 -15.95 15.86 0.78
C ARG D 39 -16.23 14.59 1.57
N GLU D 40 -16.83 13.60 0.91
CA GLU D 40 -17.19 12.38 1.61
C GLU D 40 -16.03 11.49 2.01
N LYS D 41 -16.31 10.61 2.97
CA LYS D 41 -15.37 9.65 3.51
C LYS D 41 -14.08 10.23 4.08
N LYS D 42 -13.88 11.53 3.94
CA LYS D 42 -12.69 12.20 4.50
C LYS D 42 -12.86 13.70 4.44
N SER D 43 -12.66 14.33 5.58
CA SER D 43 -12.80 15.77 5.67
C SER D 43 -11.93 16.56 4.69
N ALA D 44 -12.53 17.59 4.10
CA ALA D 44 -11.82 18.45 3.16
C ALA D 44 -10.84 19.32 3.94
N SER D 45 -9.85 18.67 4.55
CA SER D 45 -8.79 19.31 5.34
C SER D 45 -8.41 20.72 4.86
N TRP D 46 -7.93 20.80 3.62
CA TRP D 46 -7.53 22.08 3.05
C TRP D 46 -8.74 23.02 3.13
N ILE D 47 -8.78 24.07 2.30
CA ILE D 47 -9.89 25.01 2.36
C ILE D 47 -9.72 25.89 3.59
N THR D 48 -9.21 25.30 4.66
CA THR D 48 -8.95 26.03 5.90
C THR D 48 -7.64 26.81 5.73
N ARG D 49 -7.01 26.64 4.57
CA ARG D 49 -5.77 27.33 4.25
C ARG D 49 -6.09 28.38 3.18
N ILE D 50 -7.20 28.16 2.48
CA ILE D 50 -7.64 29.08 1.44
C ILE D 50 -8.39 30.25 2.07
N ARG D 51 -7.75 30.90 3.03
CA ARG D 51 -8.37 32.04 3.70
C ARG D 51 -8.64 33.16 2.71
N PRO D 52 -9.88 33.68 2.68
CA PRO D 52 -11.12 33.42 3.40
C PRO D 52 -12.32 34.03 2.66
N GLU D 53 -12.15 35.27 2.19
CA GLU D 53 -13.19 35.98 1.45
C GLU D 53 -13.55 35.20 0.20
N LEU D 54 -12.56 34.52 -0.36
CA LEU D 54 -12.74 33.71 -1.55
C LEU D 54 -13.70 32.58 -1.18
N VAL D 55 -13.44 31.99 -0.02
CA VAL D 55 -14.26 30.91 0.50
C VAL D 55 -15.69 31.40 0.70
N LYS D 56 -15.85 32.49 1.44
CA LYS D 56 -17.16 33.04 1.71
C LYS D 56 -17.85 33.54 0.45
N ASN D 57 -17.15 33.49 -0.69
CA ASN D 57 -17.74 33.92 -1.95
C ASN D 57 -17.98 32.72 -2.88
N GLY D 58 -17.69 31.53 -2.37
CA GLY D 58 -17.91 30.32 -3.12
C GLY D 58 -16.82 29.82 -4.05
N GLN D 59 -15.61 30.33 -3.90
CA GLN D 59 -14.54 29.89 -4.78
C GLN D 59 -13.39 29.34 -3.96
N PHE D 60 -13.21 28.03 -4.07
CA PHE D 60 -12.15 27.32 -3.36
C PHE D 60 -11.10 26.91 -4.38
N ARG D 61 -10.06 27.72 -4.53
CA ARG D 61 -9.03 27.40 -5.50
C ARG D 61 -7.83 26.63 -4.96
N ILE D 62 -7.36 25.70 -5.78
CA ILE D 62 -6.20 24.89 -5.47
C ILE D 62 -5.15 25.33 -6.50
N PRO D 63 -4.04 25.92 -6.04
CA PRO D 63 -2.98 26.39 -6.93
C PRO D 63 -2.41 25.24 -7.76
N SER D 64 -2.06 24.16 -7.07
CA SER D 64 -1.49 22.97 -7.68
C SER D 64 -2.08 21.71 -7.05
N ILE D 65 -2.85 20.97 -7.85
CA ILE D 65 -3.51 19.77 -7.35
C ILE D 65 -2.53 18.62 -7.06
N THR D 66 -2.82 17.88 -5.98
CA THR D 66 -2.03 16.73 -5.55
C THR D 66 -2.93 15.65 -4.97
N TRP D 67 -2.37 14.48 -4.75
CA TRP D 67 -3.09 13.35 -4.20
C TRP D 67 -4.15 13.76 -3.17
N GLU D 68 -3.73 14.59 -2.21
CA GLU D 68 -4.57 15.07 -1.13
C GLU D 68 -5.81 15.89 -1.47
N HIS D 69 -5.90 16.41 -2.68
CA HIS D 69 -7.07 17.22 -3.05
C HIS D 69 -8.21 16.44 -3.70
N THR D 70 -7.95 15.20 -4.09
CA THR D 70 -8.98 14.42 -4.78
C THR D 70 -10.11 13.89 -3.89
N GLY D 71 -11.23 13.60 -4.52
CA GLY D 71 -12.37 13.08 -3.81
C GLY D 71 -13.69 13.53 -4.41
N ARG D 72 -14.80 13.15 -3.77
CA ARG D 72 -16.13 13.51 -4.24
C ARG D 72 -16.64 14.65 -3.36
N TYR D 73 -16.87 15.81 -3.97
CA TYR D 73 -17.34 16.96 -3.20
C TYR D 73 -18.81 17.31 -3.40
N GLY D 74 -19.31 18.09 -2.46
CA GLY D 74 -20.68 18.56 -2.50
C GLY D 74 -20.67 19.87 -1.75
N CYS D 75 -21.55 20.80 -2.13
CA CYS D 75 -21.57 22.07 -1.43
C CYS D 75 -22.98 22.55 -1.14
N GLN D 76 -23.08 23.49 -0.20
CA GLN D 76 -24.36 24.08 0.14
C GLN D 76 -24.07 25.49 0.62
N TYR D 77 -25.04 26.37 0.47
CA TYR D 77 -24.88 27.75 0.89
C TYR D 77 -26.04 28.15 1.80
N TYR D 78 -25.86 29.27 2.48
CA TYR D 78 -26.86 29.78 3.41
C TYR D 78 -27.50 31.05 2.86
N SER D 79 -28.81 31.12 2.98
CA SER D 79 -29.53 32.28 2.49
C SER D 79 -30.91 32.31 3.12
N ARG D 80 -31.41 33.52 3.42
CA ARG D 80 -32.71 33.70 4.03
C ARG D 80 -32.93 32.76 5.21
N ALA D 81 -31.96 32.72 6.10
CA ALA D 81 -32.02 31.88 7.30
C ALA D 81 -32.33 30.42 6.97
N ARG D 82 -31.89 29.98 5.81
CA ARG D 82 -32.10 28.60 5.37
C ARG D 82 -30.86 28.09 4.64
N TRP D 83 -30.46 26.86 4.95
CA TRP D 83 -29.33 26.26 4.26
C TRP D 83 -29.97 25.59 3.06
N SER D 84 -29.32 25.69 1.90
CA SER D 84 -29.85 25.09 0.68
C SER D 84 -29.60 23.58 0.70
N GLU D 85 -30.13 22.91 -0.31
CA GLU D 85 -29.90 21.48 -0.42
C GLU D 85 -28.47 21.28 -0.91
N LEU D 86 -27.96 20.06 -0.81
CA LEU D 86 -26.61 19.77 -1.27
C LEU D 86 -26.57 19.83 -2.77
N SER D 87 -25.46 20.30 -3.33
CA SER D 87 -25.31 20.37 -4.78
C SER D 87 -25.10 18.96 -5.31
N ASP D 88 -25.28 18.76 -6.61
CA ASP D 88 -25.01 17.42 -7.15
C ASP D 88 -23.52 17.26 -6.90
N PRO D 89 -23.05 16.03 -6.64
CA PRO D 89 -21.63 15.78 -6.39
C PRO D 89 -20.70 16.06 -7.57
N LEU D 90 -19.46 16.42 -7.25
CA LEU D 90 -18.43 16.71 -8.23
C LEU D 90 -17.22 15.89 -7.85
N VAL D 91 -16.75 15.09 -8.78
CA VAL D 91 -15.61 14.24 -8.53
C VAL D 91 -14.35 14.93 -9.03
N LEU D 92 -13.43 15.25 -8.11
CA LEU D 92 -12.21 15.90 -8.51
C LEU D 92 -11.17 14.82 -8.75
N VAL D 93 -10.79 14.65 -10.01
CA VAL D 93 -9.80 13.63 -10.37
C VAL D 93 -8.47 14.24 -10.76
N MET D 94 -7.39 13.59 -10.33
CA MET D 94 -6.03 14.03 -10.69
C MET D 94 -5.42 12.95 -11.58
N THR D 95 -5.06 13.31 -12.81
CA THR D 95 -4.44 12.32 -13.71
C THR D 95 -2.95 12.58 -13.88
N GLY D 96 -2.29 11.70 -14.63
CA GLY D 96 -0.86 11.86 -14.88
C GLY D 96 0.03 11.36 -13.76
N ALA D 97 -0.51 10.56 -12.85
CA ALA D 97 0.26 10.01 -11.73
C ALA D 97 1.13 8.83 -12.14
N TYR D 98 0.66 8.04 -13.09
CA TYR D 98 1.39 6.86 -13.52
C TYR D 98 1.49 6.78 -15.03
N PRO D 99 2.39 5.92 -15.54
CA PRO D 99 2.61 5.74 -16.96
C PRO D 99 1.27 5.41 -17.61
N LYS D 100 1.06 5.88 -18.82
CA LYS D 100 -0.20 5.64 -19.50
C LYS D 100 -0.32 4.16 -19.85
N PRO D 101 -1.54 3.61 -19.77
CA PRO D 101 -1.71 2.21 -20.10
C PRO D 101 -1.96 2.08 -21.61
N THR D 102 -2.15 0.85 -22.09
CA THR D 102 -2.38 0.62 -23.50
C THR D 102 -3.83 0.29 -23.74
N LEU D 103 -4.42 0.97 -24.71
CA LEU D 103 -5.81 0.74 -25.06
C LEU D 103 -5.90 0.16 -26.47
N SER D 104 -6.43 -1.06 -26.59
CA SER D 104 -6.55 -1.71 -27.89
C SER D 104 -7.95 -2.26 -28.14
N ALA D 105 -8.20 -2.60 -29.40
CA ALA D 105 -9.50 -3.17 -29.78
C ALA D 105 -9.29 -4.63 -30.13
N GLN D 106 -10.25 -5.47 -29.76
CA GLN D 106 -10.15 -6.89 -30.04
C GLN D 106 -11.41 -7.35 -30.76
N PRO D 107 -11.25 -8.01 -31.93
CA PRO D 107 -9.97 -8.32 -32.59
C PRO D 107 -9.34 -7.15 -33.36
N SER D 108 -10.16 -6.17 -33.74
CA SER D 108 -9.67 -5.01 -34.48
C SER D 108 -10.48 -3.75 -34.16
N PRO D 109 -9.91 -2.57 -34.46
CA PRO D 109 -10.56 -1.29 -34.21
C PRO D 109 -11.73 -1.04 -35.16
N VAL D 110 -11.85 -1.87 -36.18
CA VAL D 110 -12.93 -1.73 -37.16
C VAL D 110 -14.02 -2.77 -36.90
N VAL D 111 -15.24 -2.30 -36.74
CA VAL D 111 -16.37 -3.19 -36.47
C VAL D 111 -17.62 -2.84 -37.30
N THR D 112 -18.36 -3.88 -37.68
CA THR D 112 -19.58 -3.71 -38.47
C THR D 112 -20.68 -3.05 -37.66
N SER D 113 -21.42 -2.15 -38.30
CA SER D 113 -22.50 -1.43 -37.63
C SER D 113 -23.41 -2.39 -36.87
N GLY D 114 -24.00 -1.90 -35.79
CA GLY D 114 -24.90 -2.72 -34.98
C GLY D 114 -24.16 -3.82 -34.25
N GLY D 115 -22.85 -3.88 -34.42
CA GLY D 115 -22.06 -4.90 -33.76
C GLY D 115 -21.51 -4.49 -32.40
N ARG D 116 -20.40 -5.12 -32.02
CA ARG D 116 -19.76 -4.83 -30.75
C ARG D 116 -18.30 -5.25 -30.79
N VAL D 117 -17.50 -4.61 -29.95
CA VAL D 117 -16.09 -4.92 -29.89
C VAL D 117 -15.61 -4.89 -28.45
N THR D 118 -14.59 -5.69 -28.15
CA THR D 118 -14.04 -5.73 -26.82
C THR D 118 -12.83 -4.81 -26.78
N LEU D 119 -12.84 -3.88 -25.85
CA LEU D 119 -11.72 -2.96 -25.70
C LEU D 119 -10.96 -3.36 -24.46
N GLN D 120 -9.66 -3.55 -24.64
CA GLN D 120 -8.80 -3.96 -23.55
C GLN D 120 -7.79 -2.90 -23.16
N CYS D 121 -7.81 -2.54 -21.88
CA CYS D 121 -6.89 -1.56 -21.34
C CYS D 121 -5.88 -2.40 -20.58
N GLU D 122 -4.61 -2.26 -20.91
CA GLU D 122 -3.56 -3.03 -20.25
C GLU D 122 -2.37 -2.16 -19.87
N SER D 123 -1.68 -2.53 -18.78
CA SER D 123 -0.51 -1.80 -18.33
C SER D 123 0.47 -2.73 -17.64
N GLN D 124 1.65 -2.21 -17.35
CA GLN D 124 2.67 -3.00 -16.69
C GLN D 124 2.44 -2.88 -15.17
N VAL D 125 1.58 -1.93 -14.81
CA VAL D 125 1.26 -1.66 -13.42
C VAL D 125 0.02 -2.44 -13.00
N ALA D 126 0.05 -2.98 -11.78
CA ALA D 126 -1.07 -3.75 -11.26
C ALA D 126 -2.10 -2.84 -10.61
N PHE D 127 -2.87 -2.14 -11.44
CA PHE D 127 -3.90 -1.22 -10.96
C PHE D 127 -5.08 -1.96 -10.35
N GLY D 128 -5.70 -1.34 -9.37
CA GLY D 128 -6.85 -1.97 -8.74
C GLY D 128 -8.09 -1.79 -9.59
N GLY D 129 -7.98 -0.96 -10.62
CA GLY D 129 -9.12 -0.71 -11.48
C GLY D 129 -8.78 0.08 -12.72
N PHE D 130 -9.73 0.18 -13.64
CA PHE D 130 -9.52 0.90 -14.86
C PHE D 130 -10.76 1.70 -15.24
N ILE D 131 -10.52 2.81 -15.92
CA ILE D 131 -11.58 3.68 -16.37
C ILE D 131 -11.49 3.75 -17.88
N LEU D 132 -12.61 3.48 -18.55
CA LEU D 132 -12.64 3.56 -20.00
C LEU D 132 -13.57 4.73 -20.24
N CYS D 133 -13.09 5.74 -20.96
CA CYS D 133 -13.90 6.91 -21.25
C CYS D 133 -14.17 7.11 -22.75
N LYS D 134 -15.44 7.35 -23.09
CA LYS D 134 -15.81 7.59 -24.48
C LYS D 134 -15.79 9.11 -24.71
N GLU D 135 -15.23 9.53 -25.85
CA GLU D 135 -15.15 10.95 -26.18
C GLU D 135 -15.67 11.21 -27.59
N GLU D 139 -20.50 15.68 -26.67
CA GLU D 139 -19.22 15.63 -25.95
C GLU D 139 -19.41 15.43 -24.46
N HIS D 140 -18.38 15.74 -23.68
CA HIS D 140 -18.41 15.52 -22.23
C HIS D 140 -18.38 14.01 -22.05
N PRO D 141 -17.20 13.45 -21.74
CA PRO D 141 -16.96 12.03 -21.54
C PRO D 141 -17.89 11.24 -20.62
N GLN D 142 -18.15 10.00 -21.02
CA GLN D 142 -19.01 9.08 -20.29
C GLN D 142 -18.08 7.90 -20.05
N CYS D 143 -17.70 7.69 -18.80
CA CYS D 143 -16.77 6.63 -18.47
C CYS D 143 -17.36 5.43 -17.75
N LEU D 144 -16.58 4.35 -17.73
CA LEU D 144 -16.93 3.10 -17.10
C LEU D 144 -15.69 2.58 -16.38
N ASN D 145 -15.87 1.99 -15.20
CA ASN D 145 -14.74 1.44 -14.48
C ASN D 145 -14.94 -0.03 -14.24
N SER D 146 -13.89 -0.83 -14.38
CA SER D 146 -13.99 -2.25 -14.16
C SER D 146 -13.43 -2.54 -12.78
N GLN D 147 -12.67 -3.63 -12.66
CA GLN D 147 -12.07 -4.02 -11.39
C GLN D 147 -10.82 -4.90 -11.61
N SER D 153 -3.88 -6.72 -10.88
CA SER D 153 -4.40 -6.83 -12.24
C SER D 153 -3.38 -6.35 -13.25
N SER D 154 -3.61 -6.64 -14.52
CA SER D 154 -2.70 -6.21 -15.57
C SER D 154 -3.50 -5.59 -16.70
N ARG D 155 -4.77 -5.95 -16.78
CA ARG D 155 -5.64 -5.46 -17.84
C ARG D 155 -7.11 -5.44 -17.43
N ALA D 156 -7.91 -4.67 -18.17
CA ALA D 156 -9.34 -4.59 -17.92
C ALA D 156 -9.99 -4.84 -19.27
N ILE D 157 -11.21 -5.37 -19.26
CA ILE D 157 -11.92 -5.67 -20.48
C ILE D 157 -13.23 -4.92 -20.52
N PHE D 158 -13.47 -4.23 -21.62
CA PHE D 158 -14.71 -3.46 -21.77
C PHE D 158 -15.44 -3.76 -23.06
N SER D 159 -16.67 -4.24 -22.93
CA SER D 159 -17.50 -4.55 -24.09
C SER D 159 -18.34 -3.32 -24.43
N VAL D 160 -18.03 -2.67 -25.54
CA VAL D 160 -18.77 -1.48 -25.93
C VAL D 160 -19.62 -1.73 -27.18
N GLY D 161 -20.73 -1.00 -27.28
CA GLY D 161 -21.62 -1.17 -28.42
C GLY D 161 -23.08 -0.94 -28.08
N PRO D 162 -23.99 -1.01 -29.06
CA PRO D 162 -23.69 -1.30 -30.47
C PRO D 162 -22.97 -0.13 -31.13
N VAL D 163 -22.13 -0.44 -32.10
CA VAL D 163 -21.38 0.58 -32.82
C VAL D 163 -22.13 1.08 -34.04
N SER D 164 -22.39 2.38 -34.09
CA SER D 164 -23.11 2.97 -35.21
C SER D 164 -22.19 3.87 -36.04
N PRO D 165 -22.45 3.96 -37.36
CA PRO D 165 -21.67 4.78 -38.30
C PRO D 165 -22.00 6.26 -38.18
N ASN D 166 -23.18 6.56 -37.62
CA ASN D 166 -23.65 7.93 -37.44
C ASN D 166 -23.08 8.54 -36.16
N ARG D 167 -21.77 8.39 -35.97
CA ARG D 167 -21.10 8.92 -34.79
C ARG D 167 -19.60 8.60 -34.84
N ARG D 168 -18.87 9.07 -33.84
CA ARG D 168 -17.44 8.85 -33.75
C ARG D 168 -17.13 8.19 -32.41
N TRP D 169 -16.79 6.90 -32.44
CA TRP D 169 -16.48 6.20 -31.20
C TRP D 169 -15.00 6.35 -30.85
N SER D 170 -14.73 7.27 -29.93
CA SER D 170 -13.39 7.56 -29.47
C SER D 170 -13.26 7.19 -28.00
N HIS D 171 -12.14 6.57 -27.63
CA HIS D 171 -11.93 6.17 -26.25
C HIS D 171 -10.51 6.38 -25.71
N ARG D 172 -10.43 6.52 -24.39
CA ARG D 172 -9.18 6.67 -23.68
C ARG D 172 -9.38 5.87 -22.39
N CYS D 173 -8.31 5.34 -21.82
CA CYS D 173 -8.45 4.59 -20.58
C CYS D 173 -7.38 4.98 -19.57
N TYR D 174 -7.71 4.77 -18.31
CA TYR D 174 -6.81 5.09 -17.23
C TYR D 174 -6.76 3.95 -16.24
N GLY D 175 -5.73 3.98 -15.41
CA GLY D 175 -5.58 2.99 -14.36
C GLY D 175 -5.44 3.72 -13.03
N TYR D 176 -5.86 3.08 -11.94
CA TYR D 176 -5.77 3.72 -10.63
C TYR D 176 -5.54 2.71 -9.52
N ASP D 177 -4.87 3.15 -8.46
CA ASP D 177 -4.60 2.26 -7.34
C ASP D 177 -5.79 2.35 -6.37
N LEU D 178 -6.22 1.19 -5.86
CA LEU D 178 -7.34 1.14 -4.92
C LEU D 178 -7.18 2.07 -3.71
N ASN D 179 -5.94 2.35 -3.32
CA ASN D 179 -5.68 3.22 -2.19
C ASN D 179 -5.92 4.71 -2.49
N SER D 180 -6.19 5.03 -3.76
CA SER D 180 -6.45 6.40 -4.19
C SER D 180 -7.16 6.38 -5.55
N PRO D 181 -8.46 6.02 -5.56
CA PRO D 181 -9.32 5.92 -6.73
C PRO D 181 -9.59 7.20 -7.52
N TYR D 182 -9.19 8.37 -6.99
CA TYR D 182 -9.39 9.61 -7.70
C TYR D 182 -8.07 10.17 -8.26
N VAL D 183 -7.07 9.30 -8.26
CA VAL D 183 -5.75 9.61 -8.78
C VAL D 183 -5.54 8.63 -9.92
N TRP D 184 -5.62 9.12 -11.15
CA TRP D 184 -5.44 8.25 -12.28
C TRP D 184 -4.08 8.38 -12.92
N SER D 185 -3.81 7.44 -13.81
CA SER D 185 -2.57 7.42 -14.56
C SER D 185 -2.74 8.45 -15.68
N SER D 186 -1.71 8.62 -16.50
CA SER D 186 -1.84 9.51 -17.63
C SER D 186 -2.82 8.74 -18.55
N PRO D 187 -3.59 9.46 -19.37
CA PRO D 187 -4.53 8.78 -20.26
C PRO D 187 -3.80 8.03 -21.35
N SER D 188 -4.43 6.98 -21.87
CA SER D 188 -3.82 6.21 -22.95
C SER D 188 -4.08 6.94 -24.25
N ASP D 189 -3.31 6.57 -25.28
CA ASP D 189 -3.46 7.17 -26.59
C ASP D 189 -4.89 6.94 -27.02
N LEU D 190 -5.49 7.94 -27.64
CA LEU D 190 -6.87 7.84 -28.11
C LEU D 190 -7.05 6.63 -29.01
N LEU D 191 -8.25 6.02 -28.95
CA LEU D 191 -8.57 4.84 -29.74
C LEU D 191 -9.95 5.04 -30.38
N GLU D 192 -9.97 5.16 -31.71
CA GLU D 192 -11.23 5.34 -32.43
C GLU D 192 -11.67 4.07 -33.14
N LEU D 193 -12.97 3.86 -33.20
CA LEU D 193 -13.51 2.68 -33.87
C LEU D 193 -13.94 3.07 -35.28
N LEU D 194 -13.94 2.11 -36.20
CA LEU D 194 -14.34 2.38 -37.58
C LEU D 194 -15.52 1.51 -38.00
N VAL D 195 -16.41 2.09 -38.81
CA VAL D 195 -17.58 1.36 -39.30
C VAL D 195 -17.73 1.58 -40.81
#